data_5SR0
#
_entry.id   5SR0
#
_cell.length_a   88.766
_cell.length_b   88.766
_cell.length_c   39.506
_cell.angle_alpha   90.000
_cell.angle_beta   90.000
_cell.angle_gamma   90.000
#
_symmetry.space_group_name_H-M   'P 43'
#
loop_
_entity.id
_entity.type
_entity.pdbx_description
1 polymer 'Non-structural protein 3'
2 non-polymer (1S,2R)-2-[(7H-pyrrolo[2,3-d]pyrimidin-4-yl)amino]cyclohexan-1-ol
3 non-polymer (1R,2S)-2-[(7H-pyrrolo[2,3-d]pyrimidin-4-yl)amino]cyclohexan-1-ol
4 water water
#
_entity_poly.entity_id   1
_entity_poly.type   'polypeptide(L)'
_entity_poly.pdbx_seq_one_letter_code
;SMVNSFSGYLKLTDNVYIKNADIVEEAKKVKPTVVVNAANVYLKHGGGVAGALNKATNNAMQVESDDYIATNGPLKVGGS
CVLSGHNLAKHCLHVVGPNVNKGEDIQLLKSAYENFNQHEVLLAPLLSAGIFGADPIHSLRVCVDTVRTNVYLAVFDKNL
YDKLVSSFL
;
_entity_poly.pdbx_strand_id   A,B
#
loop_
_chem_comp.id
_chem_comp.type
_chem_comp.name
_chem_comp.formula
QXS non-polymer (1S,2R)-2-[(7H-pyrrolo[2,3-d]pyrimidin-4-yl)amino]cyclohexan-1-ol 'C12 H16 N4 O'
QY0 non-polymer (1R,2S)-2-[(7H-pyrrolo[2,3-d]pyrimidin-4-yl)amino]cyclohexan-1-ol 'C12 H16 N4 O'
#
# COMPACT_ATOMS: atom_id res chain seq x y z
N VAL A 3 -7.58 7.69 22.55
N VAL A 3 -7.62 7.73 22.70
CA VAL A 3 -6.35 7.85 23.30
CA VAL A 3 -6.34 7.92 23.36
C VAL A 3 -5.45 6.63 23.12
C VAL A 3 -5.46 6.67 23.13
N ASN A 4 -4.18 6.89 22.81
CA ASN A 4 -3.18 5.82 22.69
C ASN A 4 -1.97 6.14 23.59
N SER A 5 -1.03 5.18 23.60
N SER A 5 -1.00 5.23 23.61
CA SER A 5 0.09 5.17 24.54
CA SER A 5 0.13 5.21 24.55
C SER A 5 1.36 5.89 24.04
C SER A 5 1.39 5.89 24.03
N PHE A 6 1.38 6.44 22.82
CA PHE A 6 2.55 7.15 22.32
C PHE A 6 2.75 8.46 23.07
N SER A 7 4.01 8.77 23.43
CA SER A 7 4.32 9.87 24.35
C SER A 7 5.47 10.73 23.81
N GLY A 8 5.39 12.05 24.01
CA GLY A 8 6.48 12.94 23.64
C GLY A 8 6.57 13.30 22.17
N TYR A 9 5.53 13.03 21.38
CA TYR A 9 5.55 13.35 19.95
C TYR A 9 5.08 14.77 19.71
N LEU A 10 5.69 15.41 18.73
CA LEU A 10 5.24 16.68 18.19
C LEU A 10 4.18 16.37 17.13
N LYS A 11 3.06 17.09 17.17
CA LYS A 11 1.98 16.90 16.22
C LYS A 11 2.27 17.75 14.98
N LEU A 12 2.38 17.13 13.81
CA LEU A 12 2.61 17.89 12.58
C LEU A 12 1.31 18.23 11.86
N THR A 13 0.37 17.28 11.83
CA THR A 13 -0.91 17.45 11.16
C THR A 13 -1.99 16.74 11.98
N ASP A 14 -3.20 16.70 11.42
CA ASP A 14 -4.29 15.98 12.05
C ASP A 14 -3.88 14.55 12.41
N ASN A 15 -3.07 13.90 11.55
CA ASN A 15 -2.82 12.46 11.69
C ASN A 15 -1.36 12.06 11.75
N VAL A 16 -0.42 12.99 11.61
CA VAL A 16 1.01 12.67 11.59
C VAL A 16 1.70 13.31 12.80
N TYR A 17 2.48 12.49 13.50
CA TYR A 17 3.23 12.85 14.71
C TYR A 17 4.68 12.46 14.51
N ILE A 18 5.61 13.16 15.17
CA ILE A 18 7.04 12.90 14.98
C ILE A 18 7.79 13.05 16.31
N LYS A 19 8.85 12.25 16.46
CA LYS A 19 9.64 12.23 17.68
C LYS A 19 11.07 11.85 17.35
N ASN A 20 11.99 12.36 18.14
N ASN A 20 12.02 12.45 18.09
CA ASN A 20 13.36 11.90 18.08
CA ASN A 20 13.44 12.16 17.94
C ASN A 20 13.45 10.67 18.96
C ASN A 20 13.73 10.94 18.81
N ALA A 21 13.51 9.49 18.35
N ALA A 21 13.67 9.74 18.20
CA ALA A 21 13.50 8.26 19.12
CA ALA A 21 13.87 8.52 18.97
C ALA A 21 14.13 7.16 18.29
C ALA A 21 14.15 7.34 18.03
N ASP A 22 14.65 6.15 19.01
N ASP A 22 14.77 6.30 18.60
CA ASP A 22 15.07 4.90 18.42
CA ASP A 22 15.00 5.02 17.91
C ASP A 22 13.84 4.01 18.27
C ASP A 22 13.68 4.25 17.80
N ILE A 23 13.48 3.68 17.03
N ILE A 23 13.33 3.75 16.61
CA ILE A 23 12.25 2.93 16.77
CA ILE A 23 12.06 3.01 16.44
C ILE A 23 12.26 1.60 17.52
C ILE A 23 12.08 1.72 17.27
N VAL A 24 13.43 0.99 17.70
N VAL A 24 13.26 1.09 17.41
CA VAL A 24 13.50 -0.27 18.45
CA VAL A 24 13.40 -0.11 18.24
C VAL A 24 13.07 -0.06 19.89
C VAL A 24 13.02 0.19 19.69
N GLU A 25 13.62 0.98 20.53
N GLU A 25 13.60 1.25 20.27
CA GLU A 25 13.28 1.26 21.92
CA GLU A 25 13.31 1.62 21.66
C GLU A 25 11.84 1.72 22.06
C GLU A 25 11.85 2.02 21.83
N GLU A 26 11.36 2.49 21.08
N GLU A 26 11.29 2.71 20.83
CA GLU A 26 9.98 2.93 21.11
CA GLU A 26 9.88 3.10 20.88
C GLU A 26 9.05 1.74 20.95
C GLU A 26 8.97 1.87 20.78
N ALA A 27 9.39 0.85 20.03
CA ALA A 27 8.56 -0.35 19.87
C ALA A 27 8.57 -1.17 21.15
N LYS A 28 9.75 -1.35 21.76
CA LYS A 28 9.86 -2.12 23.00
C LYS A 28 8.99 -1.53 24.11
N LYS A 29 8.81 -0.23 24.14
N LYS A 29 8.92 -0.19 24.17
CA LYS A 29 8.06 0.33 25.24
CA LYS A 29 8.17 0.53 25.22
C LYS A 29 6.57 0.43 24.95
C LYS A 29 6.66 0.51 24.96
N VAL A 30 6.22 0.80 23.74
CA VAL A 30 4.81 0.92 23.39
C VAL A 30 4.13 -0.42 23.06
N LYS A 31 4.80 -1.37 22.41
N LYS A 31 4.88 -1.32 22.42
CA LYS A 31 4.21 -2.61 21.90
CA LYS A 31 4.34 -2.56 21.89
C LYS A 31 3.08 -2.21 20.98
C LYS A 31 3.14 -2.23 20.99
N PRO A 32 3.35 -1.41 19.96
CA PRO A 32 2.25 -0.97 19.10
C PRO A 32 1.65 -2.16 18.35
N THR A 33 0.43 -1.97 17.86
CA THR A 33 -0.21 -2.96 17.01
C THR A 33 0.63 -3.19 15.75
N VAL A 34 1.18 -2.12 15.18
CA VAL A 34 1.97 -2.19 13.95
C VAL A 34 3.24 -1.37 14.08
N VAL A 35 4.40 -2.01 13.87
CA VAL A 35 5.65 -1.31 13.60
C VAL A 35 6.00 -1.51 12.13
N VAL A 36 6.41 -0.44 11.48
CA VAL A 36 6.82 -0.49 10.08
C VAL A 36 8.32 -0.75 10.01
N ASN A 37 8.71 -1.70 9.17
CA ASN A 37 10.10 -1.91 8.81
C ASN A 37 10.40 -1.30 7.46
N ALA A 38 11.57 -0.67 7.37
CA ALA A 38 12.15 -0.16 6.12
C ALA A 38 12.84 -1.33 5.41
N ALA A 39 12.01 -2.13 4.73
CA ALA A 39 12.45 -3.38 4.14
C ALA A 39 12.99 -3.20 2.73
N ASN A 40 13.69 -4.23 2.26
CA ASN A 40 13.99 -4.40 0.83
C ASN A 40 13.17 -5.57 0.29
N VAL A 41 13.19 -5.73 -1.04
CA VAL A 41 12.29 -6.71 -1.68
C VAL A 41 12.61 -8.14 -1.26
N TYR A 42 13.84 -8.40 -0.80
CA TYR A 42 14.26 -9.75 -0.40
C TYR A 42 14.06 -9.99 1.07
N LEU A 43 13.56 -8.99 1.80
CA LEU A 43 13.46 -9.04 3.26
C LEU A 43 14.77 -9.48 3.90
N LYS A 44 15.88 -8.99 3.37
N LYS A 44 15.89 -8.94 3.37
CA LYS A 44 17.19 -9.21 3.96
CA LYS A 44 17.24 -9.15 3.89
C LYS A 44 17.48 -8.04 4.88
C LYS A 44 17.55 -7.98 4.84
N HIS A 45 17.37 -8.28 6.18
N HIS A 45 17.40 -8.21 6.15
CA HIS A 45 17.36 -7.21 7.18
CA HIS A 45 17.52 -7.17 7.17
C HIS A 45 18.77 -6.96 7.72
C HIS A 45 19.00 -7.06 7.61
N GLY A 46 19.62 -6.41 6.86
N GLY A 46 19.77 -6.29 6.83
CA GLY A 46 21.04 -6.37 7.15
CA GLY A 46 21.20 -6.12 7.10
C GLY A 46 21.53 -5.13 7.89
C GLY A 46 21.53 -4.95 8.02
N GLY A 47 20.86 -4.01 7.67
N GLY A 47 21.03 -3.76 7.71
CA GLY A 47 21.33 -2.75 8.22
CA GLY A 47 21.35 -2.57 8.51
C GLY A 47 20.22 -1.72 8.23
C GLY A 47 20.19 -1.60 8.62
N GLY A 48 20.58 -0.52 8.68
N GLY A 48 20.45 -0.42 9.19
CA GLY A 48 19.58 0.51 8.83
CA GLY A 48 19.41 0.59 9.37
C GLY A 48 18.54 0.11 9.85
C GLY A 48 18.28 0.10 10.27
N VAL A 49 17.32 0.62 9.65
N VAL A 49 17.07 0.59 10.00
CA VAL A 49 16.20 0.27 10.51
CA VAL A 49 15.88 0.17 10.75
C VAL A 49 15.98 -1.24 10.53
C VAL A 49 15.72 -1.34 10.69
N ALA A 50 16.02 -1.88 9.36
N ALA A 50 15.82 -1.91 9.49
CA ALA A 50 15.71 -3.30 9.29
CA ALA A 50 15.60 -3.34 9.30
C ALA A 50 16.73 -4.13 10.08
C ALA A 50 16.60 -4.18 10.11
N GLY A 51 18.01 -3.82 9.94
N GLY A 51 17.89 -3.91 9.98
CA GLY A 51 19.00 -4.55 10.70
CA GLY A 51 18.89 -4.67 10.71
C GLY A 51 18.83 -4.37 12.19
C GLY A 51 18.77 -4.49 12.22
N ALA A 52 18.45 -3.16 12.61
N ALA A 52 18.39 -3.28 12.65
CA ALA A 52 18.22 -2.90 14.02
CA ALA A 52 18.21 -2.99 14.07
C ALA A 52 16.99 -3.63 14.55
C ALA A 52 16.95 -3.64 14.62
N LEU A 53 15.87 -3.56 13.82
N LEU A 53 15.84 -3.58 13.86
CA LEU A 53 14.67 -4.29 14.25
CA LEU A 53 14.65 -4.31 14.27
C LEU A 53 14.97 -5.77 14.33
C LEU A 53 14.93 -5.79 14.32
N ASN A 54 15.62 -6.31 13.31
CA ASN A 54 15.87 -7.74 13.27
C ASN A 54 16.77 -8.17 14.44
N LYS A 55 17.83 -7.39 14.70
CA LYS A 55 18.73 -7.66 15.82
C LYS A 55 17.96 -7.72 17.13
N ALA A 56 17.01 -6.78 17.31
CA ALA A 56 16.22 -6.73 18.54
C ALA A 56 15.32 -7.97 18.70
N THR A 57 14.96 -8.65 17.60
CA THR A 57 14.21 -9.91 17.66
C THR A 57 15.11 -11.14 17.76
N ASN A 58 16.42 -10.95 17.94
CA ASN A 58 17.35 -12.09 18.05
C ASN A 58 17.33 -12.92 16.76
N ASN A 59 17.13 -12.26 15.61
CA ASN A 59 17.13 -12.84 14.27
C ASN A 59 15.83 -13.60 13.96
N ALA A 60 14.83 -13.60 14.84
CA ALA A 60 13.58 -14.28 14.53
C ALA A 60 12.87 -13.62 13.35
N MET A 61 12.96 -12.30 13.23
CA MET A 61 12.39 -11.62 12.07
C MET A 61 12.99 -12.15 10.76
N GLN A 62 14.31 -12.32 10.72
CA GLN A 62 14.96 -12.83 9.52
C GLN A 62 14.53 -14.27 9.21
N VAL A 63 14.42 -15.12 10.22
CA VAL A 63 14.01 -16.51 10.01
C VAL A 63 12.61 -16.54 9.41
N GLU A 64 11.68 -15.77 9.99
CA GLU A 64 10.32 -15.70 9.45
C GLU A 64 10.32 -15.16 8.02
N SER A 65 11.13 -14.13 7.78
CA SER A 65 11.19 -13.49 6.48
C SER A 65 11.71 -14.44 5.41
N ASP A 66 12.72 -15.25 5.75
CA ASP A 66 13.27 -16.19 4.77
C ASP A 66 12.22 -17.21 4.36
N ASP A 67 11.41 -17.68 5.31
CA ASP A 67 10.32 -18.58 4.96
C ASP A 67 9.29 -17.87 4.07
N TYR A 68 8.96 -16.61 4.39
CA TYR A 68 8.02 -15.84 3.55
C TYR A 68 8.51 -15.75 2.11
N ILE A 69 9.79 -15.43 1.92
CA ILE A 69 10.33 -15.26 0.57
C ILE A 69 10.39 -16.61 -0.16
N ALA A 70 10.77 -17.67 0.55
CA ALA A 70 10.82 -18.98 -0.07
C ALA A 70 9.45 -19.40 -0.59
N THR A 71 8.38 -18.98 0.08
CA THR A 71 7.03 -19.33 -0.35
C THR A 71 6.50 -18.39 -1.44
N ASN A 72 6.74 -17.08 -1.29
CA ASN A 72 6.04 -16.07 -2.06
C ASN A 72 6.90 -15.32 -3.06
N GLY A 73 8.22 -15.43 -2.98
CA GLY A 73 9.11 -14.63 -3.80
C GLY A 73 9.19 -13.20 -3.28
N PRO A 74 10.02 -12.39 -3.95
CA PRO A 74 10.28 -11.03 -3.48
C PRO A 74 9.04 -10.14 -3.51
N LEU A 75 9.07 -9.13 -2.65
CA LEU A 75 8.11 -8.04 -2.73
C LEU A 75 8.40 -7.17 -3.96
N LYS A 76 7.45 -6.30 -4.27
CA LYS A 76 7.62 -5.20 -5.22
C LYS A 76 8.17 -3.98 -4.51
N VAL A 77 9.00 -3.20 -5.22
CA VAL A 77 9.32 -1.86 -4.73
C VAL A 77 8.03 -1.06 -4.69
N GLY A 78 7.72 -0.45 -3.54
CA GLY A 78 6.46 0.20 -3.28
C GLY A 78 5.46 -0.71 -2.57
N GLY A 79 5.76 -2.00 -2.44
CA GLY A 79 4.86 -2.96 -1.84
C GLY A 79 5.19 -3.25 -0.37
N SER A 80 4.43 -4.20 0.18
CA SER A 80 4.54 -4.51 1.59
C SER A 80 4.02 -5.92 1.86
N CYS A 81 4.34 -6.41 3.05
CA CYS A 81 3.68 -7.58 3.59
C CYS A 81 3.59 -7.43 5.11
N VAL A 82 2.59 -8.09 5.69
CA VAL A 82 2.40 -8.11 7.14
C VAL A 82 2.95 -9.42 7.68
N LEU A 83 3.89 -9.32 8.61
CA LEU A 83 4.43 -10.49 9.29
C LEU A 83 4.35 -10.22 10.79
N SER A 84 4.87 -11.16 11.58
CA SER A 84 4.86 -10.99 13.02
C SER A 84 5.67 -9.78 13.47
N GLY A 85 5.23 -9.16 14.56
CA GLY A 85 6.01 -8.15 15.24
C GLY A 85 6.93 -8.70 16.29
N HIS A 86 6.92 -10.01 16.49
CA HIS A 86 7.84 -10.67 17.45
C HIS A 86 7.70 -10.00 18.81
N ASN A 87 8.79 -9.66 19.47
CA ASN A 87 8.81 -9.05 20.78
C ASN A 87 8.65 -7.54 20.73
N LEU A 88 8.45 -6.97 19.54
CA LEU A 88 8.43 -5.52 19.38
C LEU A 88 7.04 -4.92 19.18
N ALA A 89 6.10 -5.69 18.65
CA ALA A 89 4.79 -5.18 18.22
C ALA A 89 3.93 -6.40 17.95
N LYS A 90 2.62 -6.19 17.81
CA LYS A 90 1.79 -7.31 17.36
C LYS A 90 2.19 -7.75 15.96
N HIS A 91 2.29 -6.80 15.03
CA HIS A 91 2.60 -7.04 13.64
C HIS A 91 3.73 -6.14 13.19
N CYS A 92 4.49 -6.62 12.21
CA CYS A 92 5.43 -5.78 11.48
C CYS A 92 4.94 -5.65 10.04
N LEU A 93 4.73 -4.41 9.62
CA LEU A 93 4.45 -4.12 8.22
C LEU A 93 5.78 -3.82 7.53
N HIS A 94 6.25 -4.76 6.71
CA HIS A 94 7.49 -4.59 5.97
C HIS A 94 7.14 -3.83 4.70
N VAL A 95 7.65 -2.60 4.57
CA VAL A 95 7.34 -1.73 3.44
C VAL A 95 8.62 -1.43 2.68
N VAL A 96 8.58 -1.59 1.37
CA VAL A 96 9.74 -1.34 0.51
C VAL A 96 9.60 0.02 -0.14
N GLY A 97 10.33 1.00 0.38
CA GLY A 97 10.50 2.24 -0.34
C GLY A 97 11.59 2.10 -1.39
N PRO A 98 11.58 2.96 -2.41
CA PRO A 98 12.67 2.94 -3.39
C PRO A 98 14.01 3.26 -2.74
N ASN A 99 15.05 2.53 -3.18
CA ASN A 99 16.42 2.77 -2.74
C ASN A 99 17.13 3.55 -3.84
N VAL A 100 17.38 4.84 -3.56
CA VAL A 100 18.07 5.72 -4.51
C VAL A 100 19.47 5.20 -4.80
N ASN A 101 20.11 4.56 -3.81
N ASN A 101 20.15 4.59 -3.82
CA ASN A 101 21.41 3.97 -4.07
CA ASN A 101 21.49 4.01 -4.03
C ASN A 101 21.33 2.72 -4.96
C ASN A 101 21.47 2.74 -4.90
N LYS A 102 20.13 2.29 -5.35
N LYS A 102 20.29 2.29 -5.36
CA LYS A 102 19.96 1.25 -6.38
CA LYS A 102 20.14 1.25 -6.38
C LYS A 102 19.35 1.78 -7.65
C LYS A 102 19.51 1.79 -7.69
N GLY A 103 19.12 3.08 -7.74
CA GLY A 103 18.50 3.66 -8.92
C GLY A 103 17.00 3.54 -9.08
N GLU A 104 16.24 3.28 -8.01
CA GLU A 104 14.79 3.08 -8.08
C GLU A 104 14.03 4.42 -8.13
N ASP A 105 12.89 4.39 -8.81
N ASP A 105 12.87 4.40 -8.82
CA ASP A 105 12.15 5.62 -9.06
CA ASP A 105 12.06 5.59 -9.10
C ASP A 105 11.55 6.14 -7.77
C ASP A 105 11.48 6.16 -7.81
N ILE A 106 11.82 7.42 -7.50
CA ILE A 106 11.40 8.04 -6.24
C ILE A 106 9.89 8.21 -6.20
N GLN A 107 9.25 8.28 -7.36
N GLN A 107 9.21 8.27 -7.37
CA GLN A 107 7.81 8.35 -7.38
CA GLN A 107 7.75 8.32 -7.44
C GLN A 107 7.18 7.16 -6.68
C GLN A 107 7.13 7.11 -6.77
N LEU A 108 7.91 6.05 -6.57
CA LEU A 108 7.39 4.86 -5.90
C LEU A 108 7.27 5.10 -4.39
N LEU A 109 7.82 6.20 -3.89
CA LEU A 109 7.70 6.48 -2.48
C LEU A 109 6.26 6.70 -2.06
N LYS A 110 5.46 7.36 -2.92
CA LYS A 110 4.05 7.54 -2.58
C LYS A 110 3.34 6.19 -2.49
N SER A 111 3.59 5.30 -3.46
CA SER A 111 3.01 3.96 -3.40
C SER A 111 3.40 3.24 -2.12
N ALA A 112 4.65 3.38 -1.69
CA ALA A 112 5.11 2.74 -0.46
C ALA A 112 4.31 3.24 0.73
N TYR A 113 4.14 4.57 0.85
CA TYR A 113 3.39 5.11 1.98
C TYR A 113 1.90 4.74 1.93
N GLU A 114 1.34 4.48 0.74
CA GLU A 114 -0.06 4.08 0.67
C GLU A 114 -0.34 2.82 1.46
N ASN A 115 0.66 1.94 1.62
CA ASN A 115 0.46 0.74 2.42
C ASN A 115 0.06 1.08 3.85
N PHE A 116 0.51 2.24 4.36
CA PHE A 116 0.17 2.59 5.74
C PHE A 116 -1.34 2.77 5.93
N ASN A 117 -2.06 3.11 4.87
CA ASN A 117 -3.48 3.42 4.99
C ASN A 117 -4.32 2.19 5.30
N GLN A 118 -3.72 0.99 5.21
CA GLN A 118 -4.43 -0.24 5.56
C GLN A 118 -4.41 -0.51 7.07
N HIS A 119 -3.82 0.39 7.86
CA HIS A 119 -3.65 0.21 9.30
C HIS A 119 -4.02 1.50 10.02
N GLU A 120 -4.87 1.38 11.03
CA GLU A 120 -5.42 2.57 11.68
C GLU A 120 -4.35 3.39 12.41
N VAL A 121 -3.39 2.71 13.04
CA VAL A 121 -2.31 3.34 13.80
C VAL A 121 -1.01 2.60 13.53
N LEU A 122 0.09 3.34 13.32
CA LEU A 122 1.40 2.72 13.07
C LEU A 122 2.51 3.52 13.71
N LEU A 123 3.53 2.80 14.19
CA LEU A 123 4.85 3.37 14.51
C LEU A 123 5.73 3.11 13.31
N ALA A 124 6.41 4.13 12.80
N ALA A 124 6.27 4.18 12.74
CA ALA A 124 7.12 3.97 11.53
CA ALA A 124 6.97 3.99 11.49
C ALA A 124 8.36 4.85 11.45
C ALA A 124 8.24 4.80 11.40
N PRO A 125 9.32 4.47 10.62
N PRO A 125 9.16 4.37 10.57
CA PRO A 125 10.39 5.35 10.22
CA PRO A 125 10.40 5.10 10.34
C PRO A 125 10.00 6.09 8.94
C PRO A 125 10.24 5.97 9.10
N LEU A 126 10.79 7.09 8.60
N LEU A 126 11.23 6.78 8.74
CA LEU A 126 10.62 7.75 7.32
CA LEU A 126 11.15 7.64 7.55
C LEU A 126 11.11 6.83 6.19
C LEU A 126 11.63 6.86 6.33
N LEU A 127 10.20 6.47 5.29
N LEU A 127 10.71 6.46 5.45
CA LEU A 127 10.53 5.55 4.22
CA LEU A 127 11.03 5.60 4.31
C LEU A 127 11.55 6.16 3.27
C LEU A 127 11.94 6.29 3.29
N SER A 128 12.47 5.32 2.81
N SER A 128 12.82 5.50 2.65
CA SER A 128 13.52 5.66 1.88
CA SER A 128 13.71 5.89 1.55
C SER A 128 14.57 6.60 2.46
C SER A 128 14.85 6.84 1.94
N ALA A 129 14.49 6.94 3.75
N ALA A 129 14.91 7.32 3.18
CA ALA A 129 15.50 7.76 4.41
CA ALA A 129 15.94 8.23 3.65
C ALA A 129 16.72 6.89 4.76
C ALA A 129 17.09 7.43 4.27
N GLY A 130 17.67 7.48 5.47
N GLY A 130 18.00 8.10 4.98
CA GLY A 130 18.82 6.72 5.91
CA GLY A 130 19.15 7.39 5.54
C GLY A 130 19.57 6.10 4.75
C GLY A 130 19.89 6.66 4.42
N ILE A 131 19.93 4.82 4.90
N ILE A 131 20.22 5.37 4.64
CA ILE A 131 20.73 4.15 3.88
CA ILE A 131 21.05 4.61 3.72
C ILE A 131 19.97 3.93 2.56
C ILE A 131 20.33 4.19 2.43
N PHE A 132 18.66 4.19 2.51
N PHE A 132 19.04 4.56 2.28
CA PHE A 132 17.95 4.13 1.23
CA PHE A 132 18.34 4.30 1.02
C PHE A 132 18.16 5.38 0.38
C PHE A 132 18.52 5.43 0.01
N GLY A 133 18.78 6.43 0.91
N GLY A 133 19.14 6.54 0.43
CA GLY A 133 19.34 7.48 0.08
CA GLY A 133 19.66 7.57 -0.47
C GLY A 133 18.43 8.61 -0.32
C GLY A 133 18.72 8.71 -0.83
N ALA A 134 17.16 8.60 0.08
N ALA A 134 17.45 8.71 -0.43
CA ALA A 134 16.28 9.71 -0.28
CA ALA A 134 16.57 9.81 -0.82
C ALA A 134 16.43 10.86 0.72
C ALA A 134 16.60 10.95 0.21
N ASP A 135 15.94 12.02 0.32
N ASP A 135 16.03 12.10 -0.19
CA ASP A 135 15.92 13.19 1.18
CA ASP A 135 16.02 13.30 0.67
C ASP A 135 14.84 13.01 2.23
C ASP A 135 14.99 13.15 1.79
N PRO A 136 15.18 12.94 3.52
N PRO A 136 15.37 13.33 3.06
CA PRO A 136 14.14 12.73 4.54
CA PRO A 136 14.41 13.12 4.16
C PRO A 136 13.09 13.83 4.59
C PRO A 136 13.29 14.16 4.23
N ILE A 137 13.44 15.07 4.24
N ILE A 137 13.57 15.43 3.94
CA ILE A 137 12.45 16.13 4.17
CA ILE A 137 12.49 16.43 3.96
C ILE A 137 11.39 15.81 3.09
C ILE A 137 11.41 16.02 2.97
N HIS A 138 11.83 15.39 1.88
CA HIS A 138 10.87 14.94 0.87
C HIS A 138 10.04 13.75 1.37
N SER A 139 10.69 12.79 2.01
CA SER A 139 9.97 11.65 2.53
C SER A 139 8.88 12.07 3.51
N LEU A 140 9.19 13.03 4.39
CA LEU A 140 8.19 13.52 5.32
C LEU A 140 7.02 14.18 4.60
N ARG A 141 7.31 14.96 3.56
CA ARG A 141 6.25 15.62 2.80
C ARG A 141 5.34 14.57 2.15
N VAL A 142 5.93 13.55 1.51
CA VAL A 142 5.11 12.50 0.91
C VAL A 142 4.28 11.78 1.96
N CYS A 143 4.88 11.49 3.12
CA CYS A 143 4.13 10.85 4.19
C CYS A 143 2.89 11.67 4.55
N VAL A 144 3.08 12.96 4.82
CA VAL A 144 1.98 13.84 5.24
C VAL A 144 0.91 13.91 4.17
N ASP A 145 1.31 13.93 2.90
CA ASP A 145 0.38 14.09 1.80
C ASP A 145 -0.22 12.77 1.31
N THR A 146 0.18 11.63 1.89
CA THR A 146 -0.29 10.32 1.44
C THR A 146 -0.99 9.51 2.52
N VAL A 147 -0.44 9.51 3.72
CA VAL A 147 -0.99 8.71 4.80
C VAL A 147 -2.13 9.48 5.45
N ARG A 148 -3.27 8.80 5.58
CA ARG A 148 -4.47 9.34 6.20
C ARG A 148 -4.75 8.72 7.56
N THR A 149 -4.16 7.57 7.85
CA THR A 149 -4.26 6.94 9.15
C THR A 149 -3.25 7.57 10.10
N ASN A 150 -3.27 7.16 11.36
CA ASN A 150 -2.49 7.83 12.40
C ASN A 150 -1.10 7.23 12.44
N VAL A 151 -0.10 8.04 12.11
CA VAL A 151 1.27 7.58 12.01
C VAL A 151 2.16 8.36 12.98
N TYR A 152 2.93 7.59 13.76
CA TYR A 152 3.90 8.07 14.75
C TYR A 152 5.27 7.78 14.17
N LEU A 153 5.94 8.81 13.75
N LEU A 153 5.94 8.84 13.69
CA LEU A 153 7.24 8.69 13.11
CA LEU A 153 7.25 8.71 13.07
C LEU A 153 8.37 8.83 14.11
C LEU A 153 8.33 8.87 14.14
N ALA A 154 9.27 7.85 14.11
N ALA A 154 9.11 7.81 14.35
CA ALA A 154 10.45 7.84 14.96
CA ALA A 154 10.25 7.83 15.28
C ALA A 154 11.65 8.20 14.09
C ALA A 154 11.51 8.06 14.44
N VAL A 155 12.36 9.24 14.47
N VAL A 155 12.12 9.23 14.55
CA VAL A 155 13.54 9.70 13.76
CA VAL A 155 13.33 9.56 13.79
C VAL A 155 14.75 9.55 14.68
C VAL A 155 14.52 9.62 14.75
N PHE A 156 15.66 8.65 14.31
N PHE A 156 15.42 8.65 14.61
CA PHE A 156 16.78 8.29 15.19
CA PHE A 156 16.56 8.45 15.52
C PHE A 156 17.73 9.47 15.43
C PHE A 156 17.57 9.60 15.47
N ASP A 157 18.04 10.22 14.39
N ASP A 157 17.94 10.04 14.26
CA ASP A 157 19.07 11.26 14.48
CA ASP A 157 18.98 11.07 14.10
C ASP A 157 18.48 12.58 14.97
C ASP A 157 18.56 12.41 14.73
N LYS A 158 18.97 13.05 16.13
N LYS A 158 19.37 12.90 15.68
CA LYS A 158 18.43 14.27 16.72
CA LYS A 158 19.04 14.11 16.43
C LYS A 158 18.61 15.45 15.77
C LYS A 158 19.09 15.35 15.53
N ASN A 159 19.78 15.56 15.14
N ASN A 159 20.15 15.48 14.74
CA ASN A 159 20.03 16.66 14.21
CA ASN A 159 20.34 16.65 13.87
C ASN A 159 19.01 16.66 13.05
C ASN A 159 19.35 16.68 12.74
N LEU A 160 18.81 15.52 12.38
CA LEU A 160 17.84 15.46 11.30
C LEU A 160 16.44 15.79 11.81
N TYR A 161 16.09 15.27 12.98
CA TYR A 161 14.80 15.59 13.59
C TYR A 161 14.58 17.09 13.67
N ASP A 162 15.56 17.81 14.22
CA ASP A 162 15.43 19.26 14.34
C ASP A 162 15.26 19.90 12.98
N LYS A 163 15.91 19.34 11.99
N LYS A 163 16.02 19.42 11.98
CA LYS A 163 15.81 19.93 10.69
CA LYS A 163 15.90 19.95 10.62
C LYS A 163 14.47 19.67 10.06
C LYS A 163 14.50 19.69 10.03
N LEU A 164 13.97 18.47 10.24
CA LEU A 164 12.64 18.13 9.70
C LEU A 164 11.56 19.02 10.31
N VAL A 165 11.62 19.23 11.62
CA VAL A 165 10.64 20.08 12.29
C VAL A 165 10.77 21.51 11.82
N SER A 166 11.99 22.05 11.83
CA SER A 166 12.20 23.47 11.53
C SER A 166 11.84 23.81 10.08
N SER A 167 11.92 22.84 9.18
CA SER A 167 11.63 23.07 7.77
C SER A 167 10.22 22.64 7.37
N PHE A 168 9.41 22.16 8.31
CA PHE A 168 8.12 21.58 7.97
C PHE A 168 7.13 22.68 7.60
N LEU A 169 6.47 22.51 6.46
CA LEU A 169 5.49 23.50 6.02
C LEU A 169 4.09 23.04 6.41
N SER B 1 2.92 -13.62 -28.63
CA SER B 1 1.60 -13.48 -27.96
C SER B 1 1.22 -12.05 -27.58
N MET B 2 -0.10 -11.82 -27.62
N MET B 2 -0.08 -11.82 -27.58
CA MET B 2 -0.69 -10.52 -27.33
CA MET B 2 -0.70 -10.52 -27.37
C MET B 2 -1.30 -10.56 -25.94
C MET B 2 -1.34 -10.50 -25.98
N VAL B 3 -0.77 -9.74 -25.05
CA VAL B 3 -1.34 -9.50 -23.73
C VAL B 3 -1.49 -7.99 -23.55
N ASN B 4 -2.43 -7.59 -22.71
CA ASN B 4 -2.69 -6.17 -22.45
C ASN B 4 -2.90 -5.38 -23.74
N SER B 5 -3.70 -5.95 -24.66
CA SER B 5 -3.97 -5.32 -25.96
C SER B 5 -5.31 -4.59 -25.88
N PHE B 6 -5.29 -3.47 -25.15
CA PHE B 6 -6.47 -2.62 -24.96
C PHE B 6 -6.67 -1.78 -26.21
N SER B 7 -7.90 -1.74 -26.69
CA SER B 7 -8.25 -0.94 -27.87
C SER B 7 -9.64 -0.32 -27.73
N GLY B 8 -9.78 0.89 -28.30
CA GLY B 8 -11.06 1.58 -28.33
C GLY B 8 -11.34 2.33 -27.05
N TYR B 9 -10.34 2.54 -26.20
CA TYR B 9 -10.51 3.32 -24.98
C TYR B 9 -10.35 4.81 -25.23
N LEU B 10 -11.13 5.57 -24.47
CA LEU B 10 -11.07 7.02 -24.46
C LEU B 10 -10.17 7.44 -23.31
N LYS B 11 -9.23 8.32 -23.63
N LYS B 11 -9.17 8.27 -23.63
CA LYS B 11 -8.28 8.82 -22.66
CA LYS B 11 -8.24 8.77 -22.62
C LYS B 11 -8.93 9.89 -21.80
C LYS B 11 -8.92 9.86 -21.79
N LEU B 12 -8.94 9.69 -20.47
CA LEU B 12 -9.42 10.72 -19.55
C LEU B 12 -8.28 11.52 -18.94
N THR B 13 -7.22 10.83 -18.52
CA THR B 13 -6.00 11.45 -18.01
C THR B 13 -4.84 10.66 -18.60
N ASP B 14 -3.62 11.06 -18.26
CA ASP B 14 -2.45 10.37 -18.80
C ASP B 14 -2.43 8.90 -18.43
N ASN B 15 -3.14 8.48 -17.36
CA ASN B 15 -3.10 7.08 -16.95
C ASN B 15 -4.47 6.42 -16.79
N VAL B 16 -5.58 7.13 -17.04
CA VAL B 16 -6.91 6.56 -16.85
C VAL B 16 -7.65 6.60 -18.18
N TYR B 17 -8.15 5.45 -18.59
CA TYR B 17 -8.81 5.24 -19.87
C TYR B 17 -10.16 4.59 -19.61
N ILE B 18 -11.12 4.78 -20.53
CA ILE B 18 -12.47 4.29 -20.28
C ILE B 18 -13.11 3.81 -21.58
N LYS B 19 -13.94 2.76 -21.47
CA LYS B 19 -14.60 2.16 -22.63
C LYS B 19 -15.97 1.66 -22.22
N ASN B 20 -16.93 1.76 -23.14
CA ASN B 20 -18.24 1.12 -22.95
C ASN B 20 -18.09 -0.33 -23.39
N ALA B 21 -18.03 -1.23 -22.41
CA ALA B 21 -17.71 -2.63 -22.69
C ALA B 21 -18.12 -3.50 -21.52
N ASP B 22 -18.38 -4.77 -21.83
CA ASP B 22 -18.58 -5.86 -20.87
C ASP B 22 -17.21 -6.35 -20.42
N ILE B 23 -16.91 -6.21 -19.12
CA ILE B 23 -15.57 -6.48 -18.61
C ILE B 23 -15.14 -7.92 -18.85
N VAL B 24 -16.08 -8.87 -18.85
CA VAL B 24 -15.73 -10.27 -19.14
C VAL B 24 -15.29 -10.42 -20.59
N GLU B 25 -16.09 -9.86 -21.52
CA GLU B 25 -15.73 -9.91 -22.93
C GLU B 25 -14.42 -9.17 -23.17
N GLU B 26 -14.23 -8.04 -22.49
CA GLU B 26 -12.97 -7.31 -22.62
C GLU B 26 -11.80 -8.14 -22.13
N ALA B 27 -11.94 -8.78 -20.97
CA ALA B 27 -10.84 -9.58 -20.44
C ALA B 27 -10.45 -10.69 -21.42
N LYS B 28 -11.45 -11.35 -22.00
CA LYS B 28 -11.14 -12.44 -22.93
C LYS B 28 -10.44 -11.94 -24.18
N LYS B 29 -10.71 -10.71 -24.59
N LYS B 29 -10.75 -10.72 -24.63
CA LYS B 29 -10.11 -10.17 -25.80
CA LYS B 29 -10.12 -10.14 -25.83
C LYS B 29 -8.75 -9.52 -25.54
C LYS B 29 -8.74 -9.56 -25.53
N VAL B 30 -8.64 -8.74 -24.48
CA VAL B 30 -7.43 -7.96 -24.16
C VAL B 30 -6.32 -8.84 -23.63
N LYS B 31 -6.68 -9.91 -22.95
CA LYS B 31 -5.74 -10.78 -22.28
C LYS B 31 -4.91 -10.00 -21.27
N PRO B 32 -5.52 -9.36 -20.27
CA PRO B 32 -4.77 -8.50 -19.36
C PRO B 32 -3.97 -9.30 -18.34
N THR B 33 -2.85 -8.72 -17.90
CA THR B 33 -2.13 -9.27 -16.76
C THR B 33 -3.01 -9.28 -15.51
N VAL B 34 -3.81 -8.23 -15.32
CA VAL B 34 -4.62 -8.10 -14.11
C VAL B 34 -6.03 -7.66 -14.49
N VAL B 35 -7.03 -8.41 -14.04
CA VAL B 35 -8.40 -7.94 -14.03
C VAL B 35 -8.80 -7.71 -12.57
N VAL B 36 -9.45 -6.57 -12.31
CA VAL B 36 -9.91 -6.24 -10.98
C VAL B 36 -11.34 -6.77 -10.79
N ASN B 37 -11.55 -7.44 -9.66
CA ASN B 37 -12.89 -7.81 -9.22
C ASN B 37 -13.40 -6.83 -8.17
N ALA B 38 -14.68 -6.48 -8.29
CA ALA B 38 -15.41 -5.72 -7.28
C ALA B 38 -15.86 -6.68 -6.19
N ALA B 39 -14.93 -6.99 -5.29
CA ALA B 39 -15.07 -8.04 -4.28
C ALA B 39 -15.70 -7.51 -2.99
N ASN B 40 -16.12 -8.45 -2.16
CA ASN B 40 -16.47 -8.20 -0.77
C ASN B 40 -15.48 -8.94 0.13
N VAL B 41 -15.56 -8.67 1.44
CA VAL B 41 -14.50 -9.13 2.35
C VAL B 41 -14.41 -10.65 2.44
N TYR B 42 -15.51 -11.37 2.20
CA TYR B 42 -15.49 -12.83 2.24
C TYR B 42 -15.37 -13.45 0.86
N LEU B 43 -15.11 -12.64 -0.16
CA LEU B 43 -14.93 -13.13 -1.53
C LEU B 43 -16.08 -14.04 -1.94
N LYS B 44 -17.32 -13.62 -1.63
CA LYS B 44 -18.52 -14.29 -2.07
C LYS B 44 -19.01 -13.58 -3.32
N HIS B 45 -18.82 -14.23 -4.46
CA HIS B 45 -18.98 -13.57 -5.77
C HIS B 45 -20.39 -13.80 -6.31
N GLY B 46 -21.34 -13.12 -5.69
CA GLY B 46 -22.75 -13.35 -6.02
C GLY B 46 -23.30 -12.54 -7.17
N GLY B 47 -23.08 -11.23 -7.15
CA GLY B 47 -23.81 -10.31 -7.99
C GLY B 47 -22.87 -9.37 -8.72
N GLY B 48 -23.46 -8.58 -9.63
CA GLY B 48 -22.69 -7.56 -10.33
C GLY B 48 -21.46 -8.14 -11.00
N VAL B 49 -20.38 -7.36 -10.95
CA VAL B 49 -19.12 -7.75 -11.60
C VAL B 49 -18.62 -9.08 -11.07
N ALA B 50 -18.63 -9.26 -9.74
CA ALA B 50 -18.05 -10.47 -9.18
C ALA B 50 -18.81 -11.71 -9.64
N GLY B 51 -20.15 -11.63 -9.68
CA GLY B 51 -20.92 -12.75 -10.17
C GLY B 51 -20.60 -13.07 -11.62
N ALA B 52 -20.45 -12.04 -12.45
CA ALA B 52 -20.15 -12.26 -13.85
C ALA B 52 -18.75 -12.87 -14.03
N LEU B 53 -17.74 -12.34 -13.33
CA LEU B 53 -16.40 -12.90 -13.46
C LEU B 53 -16.39 -14.36 -12.99
N ASN B 54 -17.02 -14.63 -11.85
CA ASN B 54 -17.01 -16.00 -11.34
C ASN B 54 -17.71 -16.95 -12.30
N LYS B 55 -18.87 -16.54 -12.84
CA LYS B 55 -19.58 -17.37 -13.81
C LYS B 55 -18.70 -17.67 -15.02
N ALA B 56 -17.94 -16.69 -15.50
CA ALA B 56 -17.09 -16.91 -16.65
C ALA B 56 -16.04 -17.97 -16.36
N THR B 57 -15.61 -18.10 -15.11
CA THR B 57 -14.64 -19.11 -14.71
C THR B 57 -15.30 -20.45 -14.37
N ASN B 58 -16.61 -20.59 -14.61
CA ASN B 58 -17.30 -21.83 -14.27
C ASN B 58 -17.13 -22.16 -12.79
N ASN B 59 -17.19 -21.14 -11.93
CA ASN B 59 -17.14 -21.22 -10.47
C ASN B 59 -15.75 -21.54 -9.93
N ALA B 60 -14.72 -21.64 -10.78
CA ALA B 60 -13.38 -21.90 -10.26
C ALA B 60 -12.89 -20.76 -9.37
N MET B 61 -13.26 -19.53 -9.71
CA MET B 61 -12.88 -18.40 -8.88
C MET B 61 -13.46 -18.54 -7.47
N GLN B 62 -14.72 -18.96 -7.35
CA GLN B 62 -15.33 -19.09 -6.04
C GLN B 62 -14.67 -20.20 -5.22
N VAL B 63 -14.36 -21.33 -5.85
CA VAL B 63 -13.70 -22.42 -5.12
C VAL B 63 -12.35 -21.95 -4.59
N GLU B 64 -11.57 -21.31 -5.46
CA GLU B 64 -10.27 -20.79 -5.05
C GLU B 64 -10.41 -19.75 -3.95
N SER B 65 -11.43 -18.89 -4.06
CA SER B 65 -11.66 -17.84 -3.06
C SER B 65 -12.02 -18.43 -1.70
N ASP B 66 -12.89 -19.45 -1.68
CA ASP B 66 -13.26 -20.04 -0.39
C ASP B 66 -12.05 -20.66 0.29
N ASP B 67 -11.16 -21.28 -0.48
CA ASP B 67 -9.92 -21.81 0.09
C ASP B 67 -9.03 -20.68 0.62
N TYR B 68 -8.91 -19.57 -0.12
CA TYR B 68 -8.15 -18.42 0.37
C TYR B 68 -8.69 -17.94 1.72
N ILE B 69 -10.02 -17.84 1.83
CA ILE B 69 -10.64 -17.36 3.07
C ILE B 69 -10.40 -18.34 4.21
N ALA B 70 -10.48 -19.64 3.94
CA ALA B 70 -10.23 -20.62 4.99
C ALA B 70 -8.82 -20.44 5.57
N THR B 71 -7.85 -20.15 4.71
CA THR B 71 -6.46 -20.02 5.13
C THR B 71 -6.17 -18.66 5.78
N ASN B 72 -6.77 -17.59 5.25
CA ASN B 72 -6.35 -16.23 5.57
C ASN B 72 -7.40 -15.39 6.31
N GLY B 73 -8.66 -15.82 6.34
CA GLY B 73 -9.70 -14.98 6.87
C GLY B 73 -10.11 -13.88 5.91
N PRO B 74 -11.11 -13.10 6.30
CA PRO B 74 -11.66 -12.09 5.40
C PRO B 74 -10.69 -10.93 5.19
N LEU B 75 -10.86 -10.26 4.05
CA LEU B 75 -10.16 -9.03 3.75
C LEU B 75 -10.72 -7.89 4.61
N LYS B 76 -10.02 -6.75 4.61
CA LYS B 76 -10.53 -5.49 5.14
C LYS B 76 -11.23 -4.71 4.01
N VAL B 77 -12.28 -3.96 4.37
CA VAL B 77 -12.80 -2.97 3.42
C VAL B 77 -11.69 -1.99 3.11
N GLY B 78 -11.43 -1.78 1.81
CA GLY B 78 -10.31 -0.99 1.35
C GLY B 78 -9.10 -1.81 0.98
N GLY B 79 -9.10 -3.11 1.31
CA GLY B 79 -8.00 -4.00 1.02
C GLY B 79 -8.20 -4.83 -0.25
N SER B 80 -7.23 -5.72 -0.49
CA SER B 80 -7.23 -6.53 -1.70
C SER B 80 -6.41 -7.80 -1.49
N CYS B 81 -6.61 -8.74 -2.41
CA CYS B 81 -5.70 -9.88 -2.55
C CYS B 81 -5.58 -10.23 -4.02
N VAL B 82 -4.44 -10.84 -4.36
CA VAL B 82 -4.17 -11.32 -5.71
C VAL B 82 -4.41 -12.82 -5.76
N LEU B 83 -5.28 -13.26 -6.68
CA LEU B 83 -5.55 -14.66 -6.92
C LEU B 83 -5.41 -14.92 -8.42
N SER B 84 -5.68 -16.16 -8.84
CA SER B 84 -5.59 -16.48 -10.25
C SER B 84 -6.64 -15.71 -11.06
N GLY B 85 -6.30 -15.42 -12.31
CA GLY B 85 -7.23 -14.87 -13.27
C GLY B 85 -7.93 -15.90 -14.11
N HIS B 86 -7.64 -17.20 -13.95
CA HIS B 86 -8.41 -18.27 -14.62
C HIS B 86 -8.40 -18.04 -16.14
N ASN B 87 -9.55 -18.03 -16.80
CA ASN B 87 -9.65 -17.81 -18.23
C ASN B 87 -9.82 -16.34 -18.59
N LEU B 88 -9.60 -15.44 -17.63
CA LEU B 88 -9.82 -14.01 -17.84
C LEU B 88 -8.55 -13.19 -17.88
N ALA B 89 -7.51 -13.60 -17.16
CA ALA B 89 -6.35 -12.76 -16.96
C ALA B 89 -5.28 -13.62 -16.31
N LYS B 90 -4.05 -13.12 -16.27
CA LYS B 90 -3.04 -13.82 -15.48
C LYS B 90 -3.44 -13.85 -14.02
N HIS B 91 -3.84 -12.69 -13.48
CA HIS B 91 -4.22 -12.52 -12.09
C HIS B 91 -5.56 -11.81 -12.00
N CYS B 92 -6.30 -12.12 -10.94
CA CYS B 92 -7.43 -11.30 -10.52
C CYS B 92 -7.06 -10.59 -9.22
N LEU B 93 -7.12 -9.26 -9.24
CA LEU B 93 -6.97 -8.45 -8.05
C LEU B 93 -8.36 -8.22 -7.46
N HIS B 94 -8.65 -8.89 -6.35
CA HIS B 94 -9.93 -8.75 -5.67
C HIS B 94 -9.82 -7.54 -4.75
N VAL B 95 -10.55 -6.46 -5.06
CA VAL B 95 -10.47 -5.21 -4.29
C VAL B 95 -11.81 -4.94 -3.65
N VAL B 96 -11.80 -4.64 -2.35
CA VAL B 96 -13.04 -4.38 -1.60
C VAL B 96 -13.23 -2.88 -1.46
N GLY B 97 -14.13 -2.31 -2.27
CA GLY B 97 -14.59 -0.95 -2.06
C GLY B 97 -15.68 -0.94 -1.01
N PRO B 98 -15.93 0.21 -0.39
CA PRO B 98 -17.06 0.32 0.55
C PRO B 98 -18.39 0.14 -0.17
N ASN B 99 -19.28 -0.61 0.47
CA ASN B 99 -20.64 -0.81 -0.02
C ASN B 99 -21.57 0.16 0.73
N VAL B 100 -21.92 1.26 0.07
CA VAL B 100 -22.81 2.28 0.65
C VAL B 100 -24.20 1.70 0.91
N ASN B 101 -24.62 0.71 0.09
CA ASN B 101 -25.92 0.06 0.32
C ASN B 101 -25.93 -0.74 1.62
N LYS B 102 -24.76 -1.00 2.19
CA LYS B 102 -24.61 -1.65 3.49
C LYS B 102 -24.12 -0.67 4.56
N GLY B 103 -24.13 0.63 4.26
CA GLY B 103 -23.77 1.68 5.19
C GLY B 103 -22.28 1.81 5.46
N GLU B 104 -21.41 1.32 4.57
CA GLU B 104 -19.98 1.42 4.79
C GLU B 104 -19.49 2.80 4.36
N ASP B 105 -18.38 3.22 4.96
N ASP B 105 -18.37 3.25 4.95
CA ASP B 105 -17.93 4.59 4.80
CA ASP B 105 -17.94 4.64 4.78
C ASP B 105 -17.34 4.81 3.40
C ASP B 105 -17.33 4.82 3.40
N ILE B 106 -17.98 5.65 2.58
CA ILE B 106 -17.49 6.03 1.25
C ILE B 106 -16.07 6.56 1.30
N GLN B 107 -15.66 7.07 2.48
N GLN B 107 -15.63 7.11 2.43
CA GLN B 107 -14.31 7.59 2.62
CA GLN B 107 -14.27 7.63 2.54
C GLN B 107 -13.25 6.53 2.33
C GLN B 107 -13.21 6.53 2.34
N LEU B 108 -13.59 5.25 2.49
CA LEU B 108 -12.65 4.13 2.26
C LEU B 108 -12.39 3.85 0.80
N LEU B 109 -13.08 4.55 -0.10
CA LEU B 109 -12.91 4.32 -1.52
C LEU B 109 -11.50 4.68 -1.97
N LYS B 110 -10.89 5.73 -1.39
CA LYS B 110 -9.54 6.09 -1.80
C LYS B 110 -8.56 4.96 -1.45
N SER B 111 -8.66 4.43 -0.22
CA SER B 111 -7.81 3.29 0.15
C SER B 111 -7.99 2.13 -0.82
N ALA B 112 -9.24 1.85 -1.21
CA ALA B 112 -9.49 0.74 -2.14
C ALA B 112 -8.76 0.99 -3.46
N TYR B 113 -8.86 2.20 -4.02
CA TYR B 113 -8.18 2.49 -5.28
C TYR B 113 -6.65 2.44 -5.14
N GLU B 114 -6.11 2.73 -3.96
CA GLU B 114 -4.66 2.69 -3.81
C GLU B 114 -4.10 1.31 -4.13
N ASN B 115 -4.90 0.25 -3.97
CA ASN B 115 -4.42 -1.08 -4.33
C ASN B 115 -4.00 -1.16 -5.79
N PHE B 116 -4.66 -0.38 -6.66
CA PHE B 116 -4.35 -0.43 -8.08
C PHE B 116 -2.91 -0.02 -8.35
N ASN B 117 -2.33 0.84 -7.48
CA ASN B 117 -0.97 1.35 -7.73
C ASN B 117 0.10 0.29 -7.58
N GLN B 118 -0.24 -0.89 -7.09
CA GLN B 118 0.71 -1.99 -7.01
C GLN B 118 0.82 -2.78 -8.31
N HIS B 119 0.13 -2.36 -9.39
CA HIS B 119 0.12 -3.06 -10.67
C HIS B 119 0.29 -2.04 -11.77
N GLU B 120 1.18 -2.31 -12.72
N GLU B 120 1.18 -2.31 -12.72
CA GLU B 120 1.51 -1.31 -13.73
CA GLU B 120 1.51 -1.31 -13.73
C GLU B 120 0.35 -1.06 -14.68
C GLU B 120 0.36 -1.06 -14.69
N VAL B 121 -0.46 -2.07 -14.97
CA VAL B 121 -1.61 -1.94 -15.86
C VAL B 121 -2.71 -2.89 -15.41
N LEU B 122 -3.96 -2.40 -15.42
CA LEU B 122 -5.11 -3.17 -14.96
C LEU B 122 -6.32 -2.90 -15.84
N LEU B 123 -7.14 -3.94 -16.03
CA LEU B 123 -8.52 -3.83 -16.52
C LEU B 123 -9.44 -3.83 -15.30
N ALA B 124 -10.32 -2.84 -15.17
CA ALA B 124 -11.05 -2.69 -13.92
C ALA B 124 -12.45 -2.15 -14.12
N PRO B 125 -13.35 -2.43 -13.18
CA PRO B 125 -14.61 -1.71 -13.06
C PRO B 125 -14.41 -0.50 -12.13
N LEU B 126 -15.41 0.39 -12.11
CA LEU B 126 -15.43 1.46 -11.12
C LEU B 126 -15.79 0.89 -9.76
N LEU B 127 -14.91 1.11 -8.79
CA LEU B 127 -15.12 0.54 -7.47
C LEU B 127 -16.29 1.22 -6.77
N SER B 128 -16.99 0.44 -5.98
CA SER B 128 -18.14 0.84 -5.18
C SER B 128 -19.34 1.30 -6.02
N ALA B 129 -19.27 1.16 -7.35
CA ALA B 129 -20.40 1.50 -8.22
C ALA B 129 -21.42 0.38 -8.23
N GLY B 130 -22.52 0.63 -8.94
CA GLY B 130 -23.51 -0.40 -9.20
C GLY B 130 -24.12 -0.90 -7.93
N ILE B 131 -24.07 -2.22 -7.73
CA ILE B 131 -24.73 -2.83 -6.59
C ILE B 131 -24.10 -2.41 -5.27
N PHE B 132 -22.92 -1.78 -5.30
CA PHE B 132 -22.30 -1.25 -4.08
C PHE B 132 -22.81 0.15 -3.72
N GLY B 133 -23.56 0.83 -4.61
CA GLY B 133 -24.35 1.98 -4.20
C GLY B 133 -23.69 3.35 -4.22
N ALA B 134 -22.40 3.46 -4.53
CA ALA B 134 -21.79 4.78 -4.61
C ALA B 134 -22.13 5.46 -5.93
N ASP B 135 -22.00 6.78 -5.93
CA ASP B 135 -22.16 7.56 -7.15
C ASP B 135 -21.01 7.21 -8.09
N PRO B 136 -21.28 6.65 -9.28
CA PRO B 136 -20.16 6.31 -10.17
C PRO B 136 -19.35 7.53 -10.60
N ILE B 137 -19.97 8.72 -10.65
CA ILE B 137 -19.21 9.94 -10.97
C ILE B 137 -18.16 10.19 -9.90
N HIS B 138 -18.54 9.99 -8.65
CA HIS B 138 -17.57 10.11 -7.56
C HIS B 138 -16.50 9.02 -7.63
N SER B 139 -16.89 7.80 -7.99
CA SER B 139 -15.89 6.74 -8.06
C SER B 139 -14.85 7.06 -9.12
N LEU B 140 -15.28 7.60 -10.26
CA LEU B 140 -14.34 7.98 -11.30
C LEU B 140 -13.42 9.09 -10.80
N ARG B 141 -13.97 10.07 -10.09
CA ARG B 141 -13.19 11.14 -9.48
C ARG B 141 -12.09 10.58 -8.58
N VAL B 142 -12.46 9.69 -7.67
CA VAL B 142 -11.47 9.13 -6.76
C VAL B 142 -10.44 8.32 -7.54
N CYS B 143 -10.89 7.56 -8.54
CA CYS B 143 -9.97 6.80 -9.37
C CYS B 143 -8.91 7.72 -9.98
N VAL B 144 -9.35 8.78 -10.66
CA VAL B 144 -8.40 9.67 -11.32
C VAL B 144 -7.47 10.35 -10.33
N ASP B 145 -7.96 10.65 -9.13
CA ASP B 145 -7.18 11.39 -8.14
C ASP B 145 -6.30 10.47 -7.30
N THR B 146 -6.41 9.15 -7.47
CA THR B 146 -5.69 8.20 -6.64
C THR B 146 -4.78 7.27 -7.42
N VAL B 147 -5.26 6.74 -8.55
CA VAL B 147 -4.51 5.75 -9.31
C VAL B 147 -3.52 6.49 -10.18
N ARG B 148 -2.26 6.03 -10.16
CA ARG B 148 -1.19 6.58 -10.98
C ARG B 148 -0.69 5.58 -12.02
N THR B 149 -0.98 4.30 -11.85
CA THR B 149 -0.66 3.28 -12.84
C THR B 149 -1.74 3.29 -13.92
N ASN B 150 -1.57 2.47 -14.94
CA ASN B 150 -2.44 2.54 -16.11
C ASN B 150 -3.69 1.70 -15.89
N VAL B 151 -4.84 2.36 -15.81
CA VAL B 151 -6.10 1.68 -15.52
C VAL B 151 -7.06 1.90 -16.68
N TYR B 152 -7.58 0.78 -17.18
CA TYR B 152 -8.53 0.69 -18.29
C TYR B 152 -9.87 0.30 -17.68
N LEU B 153 -10.80 1.26 -17.62
CA LEU B 153 -12.10 1.08 -17.00
C LEU B 153 -13.13 0.61 -18.03
N ALA B 154 -13.85 -0.45 -17.68
CA ALA B 154 -14.94 -0.98 -18.50
C ALA B 154 -16.27 -0.62 -17.84
N VAL B 155 -17.12 0.07 -18.58
CA VAL B 155 -18.44 0.47 -18.13
C VAL B 155 -19.46 -0.19 -19.05
N PHE B 156 -20.30 -1.05 -18.47
CA PHE B 156 -21.22 -1.86 -19.28
C PHE B 156 -22.30 -1.05 -19.96
N ASP B 157 -22.99 -0.18 -19.22
CA ASP B 157 -24.14 0.53 -19.76
C ASP B 157 -23.69 1.77 -20.54
N LYS B 158 -23.99 1.82 -21.85
CA LYS B 158 -23.68 2.99 -22.69
C LYS B 158 -24.18 4.29 -22.05
N ASN B 159 -25.36 4.27 -21.44
CA ASN B 159 -25.91 5.51 -20.89
C ASN B 159 -25.14 5.99 -19.66
N LEU B 160 -24.62 5.07 -18.84
CA LEU B 160 -23.76 5.47 -17.73
C LEU B 160 -22.40 5.92 -18.25
N TYR B 161 -21.87 5.21 -19.26
CA TYR B 161 -20.62 5.62 -19.89
C TYR B 161 -20.72 7.07 -20.36
N ASP B 162 -21.82 7.39 -21.06
CA ASP B 162 -22.00 8.75 -21.57
C ASP B 162 -22.09 9.78 -20.44
N LYS B 163 -22.78 9.43 -19.35
CA LYS B 163 -22.87 10.32 -18.20
C LYS B 163 -21.49 10.56 -17.58
N LEU B 164 -20.69 9.50 -17.47
CA LEU B 164 -19.36 9.62 -16.89
C LEU B 164 -18.44 10.46 -17.77
N VAL B 165 -18.42 10.20 -19.08
CA VAL B 165 -17.51 10.91 -19.98
C VAL B 165 -17.96 12.36 -20.11
N SER B 166 -19.26 12.56 -20.31
CA SER B 166 -19.77 13.89 -20.63
C SER B 166 -19.60 14.84 -19.44
N SER B 167 -19.63 14.31 -18.20
CA SER B 167 -19.49 15.12 -17.00
C SER B 167 -18.05 15.19 -16.46
N PHE B 168 -17.11 14.43 -17.02
CA PHE B 168 -15.76 14.41 -16.46
C PHE B 168 -15.06 15.75 -16.65
N LEU B 169 -15.35 16.39 -17.78
CA LEU B 169 -14.73 17.66 -18.15
C LEU B 169 -15.67 18.53 -18.97
C16 QXS C . 14.43 5.29 13.62
C14 QXS C . 16.11 3.71 14.01
C12 QXS C . 17.92 2.46 13.85
C11 QXS C . 17.90 3.33 12.77
C10 QXS C . 16.74 4.12 12.88
C02 QXS C . 17.78 7.74 10.08
C03 QXS C . 18.69 6.96 9.13
C04 QXS C . 17.86 6.04 8.24
C05 QXS C . 16.52 6.71 7.89
C06 QXS C . 15.65 6.84 9.13
C07 QXS C . 16.50 6.96 10.40
C09 QXS C . 16.15 5.16 12.12
N08 QXS C . 16.80 5.62 10.91
N13 QXS C . 16.84 2.71 14.60
N15 QXS C . 14.95 4.33 14.34
N17 QXS C . 15.01 5.71 12.51
O01 QXS C . 18.50 7.97 11.28
H161 QXS C . 13.50 5.73 13.94
H121 QXS C . 18.69 1.73 14.06
H111 QXS C . 18.63 3.38 11.97
H021 QXS C . 17.51 8.69 9.62
H031 QXS C . 19.38 6.36 9.70
H032 QXS C . 19.24 7.68 8.53
H042 QXS C . 17.62 5.15 8.75
H041 QXS C . 18.41 5.69 7.39
H052 QXS C . 16.00 6.11 7.17
H051 QXS C . 16.71 7.70 7.49
H062 QXS C . 15.01 5.97 9.23
H061 QXS C . 15.03 7.74 9.05
H071 QXS C . 15.94 7.51 11.16
H081 QXS C . 17.45 5.01 10.46
H131 QXS C . 16.60 2.25 15.45
H011 QXS C . 17.94 8.46 11.88
C02 QY0 D . 18.18 7.46 10.47
C03 QY0 D . 18.23 8.25 9.15
C04 QY0 D . 16.90 8.12 8.42
C05 QY0 D . 16.67 6.65 8.05
C06 QY0 D . 17.66 5.71 8.74
C07 QY0 D . 17.81 5.99 10.25
C09 QY0 D . 16.08 5.15 12.07
C10 QY0 D . 16.72 4.11 12.81
C11 QY0 D . 17.87 3.32 12.67
C12 QY0 D . 17.97 2.50 13.79
C14 QY0 D . 16.15 3.75 14.01
C16 QY0 D . 14.44 5.28 13.70
N08 QY0 D . 16.50 5.64 10.77
N13 QY0 D . 16.92 2.77 14.58
N15 QY0 D . 15.02 4.35 14.43
N17 QY0 D . 14.95 5.66 12.54
O01 QY0 D . 17.20 8.04 11.29
H021 QY0 D . 19.15 7.54 10.95
H031 QY0 D . 19.04 7.89 8.51
H032 QY0 D . 18.40 9.30 9.36
H041 QY0 D . 16.89 8.72 7.51
H042 QY0 D . 16.10 8.45 9.08
H051 QY0 D . 16.75 6.53 6.98
H052 QY0 D . 15.66 6.38 8.34
H062 QY0 D . 18.62 5.77 8.24
H061 QY0 D . 17.28 4.70 8.64
H071 QY0 D . 18.58 5.35 10.67
H111 QY0 D . 18.56 3.35 11.85
H121 QY0 D . 18.74 1.78 13.98
H161 QY0 D . 13.54 5.75 14.03
H081 QY0 D . 15.74 5.74 10.14
H131 QY0 D . 16.72 2.34 15.47
H011 QY0 D . 17.63 8.67 11.85
#